data_2G5G
#
_entry.id   2G5G
#
_cell.length_a   87.918
_cell.length_b   58.790
_cell.length_c   82.395
_cell.angle_alpha   90.00
_cell.angle_beta   119.21
_cell.angle_gamma   90.00
#
_symmetry.space_group_name_H-M   'C 1 2 1'
#
loop_
_entity.id
_entity.type
_entity.pdbx_description
1 polymer 'putative lipoprotein'
2 non-polymer 'PROTOPORPHYRIN IX CONTAINING FE'
3 water water
#
_entity_poly.entity_id   1
_entity_poly.type   'polypeptide(L)'
_entity_poly.pdbx_seq_one_letter_code
;GSHMAVLQKSSPLQENKDFYILDTHTQKKISFED(MSE)ILELLKADVILLGEKHDEVKHKISQV(MSE)IFNALEGNLS
SQNINFDVALE(MSE)LASTEQNHLDKAFKNKKTIKANELTNALNWDKVWKWKDYEQFVNVVFYSKSKILGANLSRSEIT
SIYNGAQPLKGYVSTTNEVKKQLFDIISLSHKLNPEENKELLDKLVEIQQFKDRR(MSE)ADVLVHHVNKVLLLAGSYHT
SKKIGIPLHIQDFKSSKKIVVVNLSYGEIDLKDSDYVLIYKGEE
;
_entity_poly.pdbx_strand_id   X
#
# COMPACT_ATOMS: atom_id res chain seq x y z
N PRO A 12 11.22 3.82 18.35
CA PRO A 12 10.58 2.56 17.97
C PRO A 12 9.56 2.14 19.02
N LEU A 13 8.44 1.58 18.55
CA LEU A 13 7.39 1.13 19.45
C LEU A 13 7.87 -0.14 20.13
N GLN A 14 7.50 -0.30 21.38
CA GLN A 14 8.00 -1.41 22.19
C GLN A 14 7.07 -2.62 22.03
N GLU A 15 7.61 -3.75 21.58
CA GLU A 15 6.79 -4.94 21.38
C GLU A 15 6.26 -5.41 22.73
N ASN A 16 4.96 -5.71 22.78
CA ASN A 16 4.27 -6.20 23.99
C ASN A 16 3.90 -5.10 24.99
N LYS A 17 4.50 -3.92 24.86
CA LYS A 17 4.07 -2.75 25.62
C LYS A 17 3.20 -1.83 24.76
N ASP A 18 3.71 -1.46 23.59
CA ASP A 18 3.02 -0.53 22.71
C ASP A 18 2.14 -1.21 21.65
N PHE A 19 2.50 -2.44 21.28
CA PHE A 19 1.78 -3.16 20.22
C PHE A 19 1.99 -4.65 20.31
N TYR A 20 1.14 -5.40 19.61
CA TYR A 20 1.46 -6.79 19.36
C TYR A 20 0.94 -7.16 17.95
N ILE A 21 1.19 -8.38 17.56
CA ILE A 21 0.87 -8.84 16.21
C ILE A 21 0.06 -10.12 16.29
N LEU A 22 -1.02 -10.21 15.53
CA LEU A 22 -1.73 -11.44 15.35
C LEU A 22 -1.56 -11.94 13.92
N ASP A 23 -1.29 -13.23 13.80
CA ASP A 23 -1.56 -13.99 12.58
C ASP A 23 -3.11 -14.01 12.48
N THR A 24 -3.67 -13.47 11.40
CA THR A 24 -5.15 -13.41 11.33
C THR A 24 -5.81 -14.77 10.98
N HIS A 25 -5.03 -15.72 10.49
CA HIS A 25 -5.57 -17.00 10.08
C HIS A 25 -5.91 -17.85 11.33
N THR A 26 -5.06 -17.73 12.35
CA THR A 26 -5.18 -18.56 13.54
C THR A 26 -5.56 -17.70 14.74
N GLN A 27 -5.49 -16.38 14.59
CA GLN A 27 -5.61 -15.44 15.71
C GLN A 27 -4.61 -15.74 16.84
N LYS A 28 -3.43 -16.20 16.46
CA LYS A 28 -2.41 -16.42 17.44
C LYS A 28 -1.46 -15.22 17.47
N LYS A 29 -1.03 -14.79 18.66
CA LYS A 29 -0.06 -13.70 18.75
C LYS A 29 1.26 -14.23 18.26
N ILE A 30 1.98 -13.42 17.50
CA ILE A 30 3.24 -13.85 16.86
C ILE A 30 4.29 -12.76 17.13
N SER A 31 5.54 -13.16 17.39
CA SER A 31 6.55 -12.14 17.63
C SER A 31 6.82 -11.35 16.36
N PHE A 32 7.22 -10.09 16.52
CA PHE A 32 7.71 -9.28 15.41
C PHE A 32 8.77 -10.04 14.57
N GLU A 33 9.78 -10.63 15.21
CA GLU A 33 10.82 -11.44 14.52
C GLU A 33 10.20 -12.60 13.71
N ASP A 34 9.31 -13.38 14.33
CA ASP A 34 8.58 -14.46 13.63
C ASP A 34 7.69 -13.96 12.47
N ILE A 36 8.42 -11.26 10.64
CA ILE A 36 9.45 -10.98 9.64
C ILE A 36 9.91 -12.22 8.86
N LEU A 37 10.21 -13.30 9.57
CA LEU A 37 10.66 -14.53 8.92
C LEU A 37 9.61 -15.02 7.92
N GLU A 38 8.34 -14.86 8.27
CA GLU A 38 7.26 -15.21 7.32
C GLU A 38 7.16 -14.25 6.15
N LEU A 39 7.24 -12.96 6.41
CA LEU A 39 7.15 -11.94 5.34
C LEU A 39 8.24 -12.08 4.31
N LEU A 40 9.42 -12.48 4.76
CA LEU A 40 10.56 -12.69 3.88
C LEU A 40 10.29 -13.76 2.81
N LYS A 41 9.36 -14.66 3.08
CA LYS A 41 8.97 -15.72 2.15
C LYS A 41 8.11 -15.20 0.96
N ALA A 42 7.49 -14.06 1.15
CA ALA A 42 6.54 -13.51 0.18
C ALA A 42 7.27 -12.82 -0.94
N ASP A 43 6.64 -12.76 -2.12
CA ASP A 43 7.15 -11.94 -3.24
C ASP A 43 6.63 -10.50 -3.21
N VAL A 44 5.40 -10.36 -2.70
CA VAL A 44 4.73 -9.07 -2.59
C VAL A 44 4.21 -8.93 -1.15
N ILE A 45 4.60 -7.86 -0.48
CA ILE A 45 4.15 -7.61 0.87
C ILE A 45 3.33 -6.35 0.81
N LEU A 46 2.03 -6.45 1.12
CA LEU A 46 1.22 -5.24 1.22
C LEU A 46 1.13 -4.75 2.66
N LEU A 47 1.40 -3.45 2.87
CA LEU A 47 1.40 -2.83 4.22
C LEU A 47 0.36 -1.73 4.22
N GLY A 48 -0.74 -1.98 4.95
CA GLY A 48 -1.87 -1.08 5.00
C GLY A 48 -1.75 -0.12 6.17
N GLU A 49 -2.04 1.15 5.90
CA GLU A 49 -1.89 2.21 6.90
C GLU A 49 -3.12 3.13 6.93
N LYS A 50 -3.25 3.87 8.04
CA LYS A 50 -4.11 5.04 8.11
C LYS A 50 -3.17 6.25 7.89
N HIS A 51 -3.47 7.07 6.88
CA HIS A 51 -2.48 8.02 6.31
C HIS A 51 -1.93 9.10 7.26
N ASP A 52 -2.65 9.39 8.35
CA ASP A 52 -2.25 10.45 9.28
C ASP A 52 -1.89 9.88 10.64
N GLU A 53 -1.72 8.56 10.72
CA GLU A 53 -1.53 7.89 12.00
C GLU A 53 -0.05 7.71 12.36
N VAL A 54 0.37 8.37 13.43
CA VAL A 54 1.80 8.45 13.77
C VAL A 54 2.44 7.10 14.12
N LYS A 55 1.72 6.28 14.88
CA LYS A 55 2.19 4.94 15.27
C LYS A 55 2.35 4.01 14.07
N HIS A 56 1.54 4.23 13.04
CA HIS A 56 1.67 3.48 11.79
C HIS A 56 2.99 3.79 11.14
N LYS A 57 3.29 5.10 11.08
CA LYS A 57 4.53 5.55 10.49
C LYS A 57 5.76 4.98 11.18
N ILE A 58 5.76 4.93 12.51
CA ILE A 58 6.85 4.25 13.22
C ILE A 58 6.95 2.74 12.86
N SER A 59 5.81 2.06 12.86
CA SER A 59 5.71 0.64 12.49
C SER A 59 6.28 0.30 11.09
N GLN A 60 6.02 1.18 10.13
CA GLN A 60 6.51 1.01 8.76
C GLN A 60 8.04 0.99 8.73
N VAL A 61 8.67 1.89 9.47
CA VAL A 61 10.13 1.94 9.56
C VAL A 61 10.71 0.68 10.19
N ILE A 63 9.35 -2.38 10.31
CA ILE A 63 9.15 -3.54 9.42
C ILE A 63 10.14 -3.39 8.23
N PHE A 64 10.14 -2.23 7.58
CA PHE A 64 11.09 -2.04 6.46
C PHE A 64 12.52 -2.37 6.88
N ASN A 65 12.99 -1.77 7.98
CA ASN A 65 14.35 -1.98 8.44
C ASN A 65 14.67 -3.45 8.62
N ALA A 66 13.75 -4.24 9.21
CA ALA A 66 14.10 -5.64 9.47
C ALA A 66 14.17 -6.43 8.17
N LEU A 67 13.30 -6.10 7.23
CA LEU A 67 13.25 -6.86 5.98
C LEU A 67 14.48 -6.49 5.13
N GLU A 68 14.78 -5.20 5.07
CA GLU A 68 15.90 -4.62 4.28
C GLU A 68 17.23 -5.19 4.72
N GLY A 69 17.43 -5.23 6.04
CA GLY A 69 18.67 -5.75 6.62
C GLY A 69 18.89 -7.21 6.26
N ASN A 70 17.87 -8.03 6.42
CA ASN A 70 18.00 -9.42 6.07
C ASN A 70 18.26 -9.63 4.56
N LEU A 71 17.52 -8.93 3.72
CA LEU A 71 17.61 -9.17 2.28
C LEU A 71 18.90 -8.62 1.67
N SER A 72 19.33 -7.46 2.13
CA SER A 72 20.59 -6.92 1.63
C SER A 72 21.78 -7.81 2.04
N SER A 73 21.72 -8.36 3.24
CA SER A 73 22.79 -9.24 3.71
C SER A 73 22.88 -10.52 2.86
N GLN A 74 21.79 -10.85 2.15
CA GLN A 74 21.75 -12.00 1.25
C GLN A 74 21.92 -11.61 -0.22
N ASN A 75 22.13 -10.34 -0.48
CA ASN A 75 22.14 -9.84 -1.84
C ASN A 75 20.85 -10.12 -2.60
N ILE A 76 19.72 -10.11 -1.91
CA ILE A 76 18.43 -10.24 -2.57
C ILE A 76 17.87 -8.82 -2.75
N ASN A 77 17.57 -8.44 -4.01
CA ASN A 77 16.98 -7.13 -4.32
C ASN A 77 15.65 -6.96 -3.59
N PHE A 78 15.39 -5.75 -3.11
CA PHE A 78 14.12 -5.49 -2.41
C PHE A 78 13.71 -4.06 -2.63
N ASP A 79 12.55 -3.88 -3.28
CA ASP A 79 12.04 -2.54 -3.63
C ASP A 79 10.75 -2.15 -2.92
N VAL A 80 10.39 -0.85 -2.94
CA VAL A 80 9.20 -0.33 -2.25
C VAL A 80 8.31 0.47 -3.20
N ALA A 81 7.07 0.00 -3.36
CA ALA A 81 6.10 0.71 -4.19
C ALA A 81 5.25 1.57 -3.26
N LEU A 82 4.82 2.72 -3.77
CA LEU A 82 4.11 3.70 -2.96
C LEU A 82 2.83 4.12 -3.63
N GLU A 83 1.71 3.93 -2.93
CA GLU A 83 0.43 4.50 -3.38
C GLU A 83 0.64 6.02 -3.61
N LEU A 85 2.94 7.76 -5.06
CA LEU A 85 3.53 8.18 -6.32
C LEU A 85 2.88 7.45 -7.46
N ALA A 86 2.69 8.17 -8.56
CA ALA A 86 2.12 7.54 -9.76
C ALA A 86 3.14 6.71 -10.52
N SER A 87 2.67 5.64 -11.17
CA SER A 87 3.54 4.73 -11.96
C SER A 87 4.11 5.43 -13.21
N THR A 88 3.37 6.42 -13.71
CA THR A 88 3.81 7.34 -14.78
C THR A 88 5.10 8.12 -14.44
N GLU A 89 5.44 8.19 -13.16
CA GLU A 89 6.60 8.92 -12.68
C GLU A 89 7.90 8.10 -12.69
N GLN A 90 7.83 6.84 -13.11
CA GLN A 90 8.95 5.92 -12.88
C GLN A 90 10.28 6.36 -13.51
N ASN A 91 10.23 6.85 -14.75
CA ASN A 91 11.45 7.36 -15.39
C ASN A 91 12.12 8.39 -14.51
N HIS A 92 11.33 9.33 -14.00
CA HIS A 92 11.83 10.34 -13.07
C HIS A 92 12.37 9.72 -11.79
N LEU A 93 11.65 8.75 -11.24
CA LEU A 93 12.07 8.05 -10.02
C LEU A 93 13.35 7.21 -10.18
N ASP A 94 13.51 6.59 -11.35
CA ASP A 94 14.72 5.81 -11.68
C ASP A 94 15.97 6.71 -11.66
N LYS A 95 15.81 7.94 -12.16
CA LYS A 95 16.85 8.98 -12.09
C LYS A 95 17.24 9.30 -10.67
N ALA A 96 16.25 9.48 -9.79
CA ALA A 96 16.51 9.68 -8.36
C ALA A 96 17.25 8.50 -7.74
N PHE A 97 16.85 7.28 -8.12
CA PHE A 97 17.51 6.07 -7.67
C PHE A 97 19.00 6.10 -8.10
N LYS A 98 19.22 6.47 -9.36
CA LYS A 98 20.54 6.61 -9.95
C LYS A 98 21.35 7.67 -9.20
N ASN A 99 20.75 8.84 -8.96
CA ASN A 99 21.40 9.99 -8.31
C ASN A 99 21.30 10.01 -6.78
N LYS A 100 20.97 8.86 -6.21
CA LYS A 100 20.80 8.68 -4.77
C LYS A 100 21.80 9.48 -3.90
N LYS A 101 23.08 9.31 -4.19
CA LYS A 101 24.15 9.88 -3.37
C LYS A 101 24.30 11.40 -3.57
N THR A 102 23.55 11.93 -4.52
CA THR A 102 23.61 13.32 -4.96
C THR A 102 22.39 14.14 -4.48
N ILE A 103 21.37 13.43 -4.00
CA ILE A 103 20.18 14.06 -3.45
C ILE A 103 20.31 14.12 -1.92
N LYS A 104 20.19 15.32 -1.37
CA LYS A 104 20.35 15.49 0.07
C LYS A 104 18.97 15.47 0.73
N ALA A 105 18.93 15.19 2.04
CA ALA A 105 17.68 15.03 2.78
C ALA A 105 16.62 16.09 2.49
N ASN A 106 17.05 17.31 2.17
CA ASN A 106 16.14 18.42 1.85
C ASN A 106 15.84 18.59 0.36
N GLU A 107 16.57 17.84 -0.47
CA GLU A 107 16.34 17.81 -1.92
C GLU A 107 15.44 16.64 -2.31
N LEU A 108 15.16 15.77 -1.33
CA LEU A 108 14.47 14.49 -1.59
C LEU A 108 13.10 14.67 -2.20
N THR A 109 12.28 15.52 -1.61
CA THR A 109 10.92 15.78 -2.11
C THR A 109 10.88 16.32 -3.54
N ASN A 110 11.92 17.04 -3.92
CA ASN A 110 12.01 17.59 -5.26
C ASN A 110 12.47 16.54 -6.28
N ALA A 111 13.40 15.69 -5.85
CA ALA A 111 13.91 14.58 -6.66
C ALA A 111 12.79 13.60 -7.03
N LEU A 112 11.90 13.34 -6.07
CA LEU A 112 10.85 12.34 -6.25
C LEU A 112 9.63 12.95 -6.89
N ASN A 113 9.67 14.27 -7.10
CA ASN A 113 8.49 14.99 -7.53
C ASN A 113 7.26 14.73 -6.62
N TRP A 114 7.51 14.70 -5.31
CA TRP A 114 6.46 14.41 -4.33
C TRP A 114 5.24 15.25 -4.62
N ASP A 115 4.06 14.61 -4.55
CA ASP A 115 2.78 15.31 -4.71
C ASP A 115 2.32 15.79 -3.34
N LYS A 116 1.94 17.06 -3.26
CA LYS A 116 1.64 17.64 -1.96
C LYS A 116 0.26 17.29 -1.41
N VAL A 117 -0.60 16.67 -2.23
CA VAL A 117 -1.80 16.00 -1.69
C VAL A 117 -1.45 15.01 -0.54
N TRP A 118 -0.20 14.52 -0.53
CA TRP A 118 0.31 13.64 0.52
C TRP A 118 1.22 14.46 1.41
N LYS A 119 0.81 14.70 2.66
CA LYS A 119 1.58 15.59 3.56
C LYS A 119 2.95 15.01 3.88
N TRP A 120 3.99 15.70 3.41
CA TRP A 120 5.35 15.21 3.54
C TRP A 120 5.68 14.79 4.96
N LYS A 121 5.19 15.55 5.93
CA LYS A 121 5.38 15.26 7.37
C LYS A 121 5.04 13.81 7.73
N ASP A 122 3.98 13.32 7.10
CA ASP A 122 3.45 11.98 7.36
C ASP A 122 4.19 10.87 6.62
N TYR A 123 5.19 11.27 5.81
CA TYR A 123 5.91 10.33 4.93
C TYR A 123 7.43 10.44 5.01
N GLU A 124 7.94 11.54 5.57
CA GLU A 124 9.38 11.79 5.52
C GLU A 124 10.23 10.73 6.18
N GLN A 125 9.82 10.25 7.34
CA GLN A 125 10.62 9.30 8.09
C GLN A 125 10.77 8.01 7.29
N PHE A 126 9.64 7.48 6.81
CA PHE A 126 9.65 6.20 6.09
C PHE A 126 10.37 6.34 4.74
N VAL A 127 10.00 7.37 3.99
CA VAL A 127 10.53 7.55 2.65
C VAL A 127 12.05 7.84 2.67
N ASN A 128 12.54 8.49 3.71
CA ASN A 128 13.98 8.76 3.84
C ASN A 128 14.76 7.49 4.04
N VAL A 129 14.30 6.66 4.99
CA VAL A 129 14.92 5.38 5.27
C VAL A 129 14.89 4.49 4.03
N VAL A 130 13.77 4.52 3.31
CA VAL A 130 13.63 3.70 2.09
C VAL A 130 14.61 4.20 1.01
N PHE A 131 14.50 5.48 0.70
CA PHE A 131 15.25 6.09 -0.38
C PHE A 131 16.75 5.85 -0.30
N TYR A 132 17.33 5.92 0.91
CA TYR A 132 18.79 5.78 1.12
C TYR A 132 19.32 4.39 1.37
N SER A 133 18.42 3.40 1.39
CA SER A 133 18.85 2.01 1.51
C SER A 133 19.16 1.54 0.09
N LYS A 134 19.26 0.24 -0.10
CA LYS A 134 19.44 -0.35 -1.42
C LYS A 134 18.14 -0.50 -2.22
N SER A 135 17.01 -0.11 -1.62
CA SER A 135 15.72 -0.22 -2.30
C SER A 135 15.53 0.82 -3.38
N LYS A 136 14.83 0.45 -4.44
CA LYS A 136 14.31 1.44 -5.36
C LYS A 136 12.85 1.78 -5.02
N ILE A 137 12.53 3.07 -5.09
CA ILE A 137 11.11 3.49 -4.94
C ILE A 137 10.36 3.39 -6.25
N LEU A 138 9.23 2.68 -6.22
CA LEU A 138 8.37 2.55 -7.38
C LEU A 138 7.08 3.38 -7.20
N GLY A 139 6.65 4.04 -8.28
CA GLY A 139 5.29 4.64 -8.32
C GLY A 139 4.26 3.57 -8.61
N ALA A 140 3.26 3.44 -7.73
CA ALA A 140 2.31 2.32 -7.83
C ALA A 140 1.02 2.75 -8.47
N ASN A 141 0.72 4.04 -8.40
CA ASN A 141 -0.65 4.53 -8.60
C ASN A 141 -0.96 5.14 -10.00
N LEU A 142 -2.23 5.43 -10.22
CA LEU A 142 -2.70 6.30 -11.30
C LEU A 142 -2.12 7.71 -11.20
N SER A 143 -1.94 8.39 -12.33
CA SER A 143 -1.67 9.84 -12.29
C SER A 143 -2.96 10.65 -12.04
N ARG A 144 -2.83 11.90 -11.60
CA ARG A 144 -3.94 12.87 -11.52
C ARG A 144 -4.76 12.90 -12.81
N SER A 145 -4.04 13.02 -13.94
CA SER A 145 -4.64 13.07 -15.27
C SER A 145 -5.41 11.79 -15.58
N GLU A 146 -4.84 10.65 -15.20
CA GLU A 146 -5.53 9.37 -15.36
C GLU A 146 -6.82 9.33 -14.52
N ILE A 147 -6.75 9.85 -13.30
CA ILE A 147 -7.89 9.83 -12.36
C ILE A 147 -9.01 10.75 -12.85
N THR A 148 -8.62 11.92 -13.34
CA THR A 148 -9.56 12.84 -13.94
C THR A 148 -10.26 12.24 -15.17
N SER A 149 -9.50 11.51 -15.98
CA SER A 149 -10.05 10.86 -17.17
C SER A 149 -11.07 9.76 -16.86
N ILE A 150 -10.81 8.97 -15.81
CA ILE A 150 -11.76 7.95 -15.35
C ILE A 150 -13.08 8.58 -14.83
N TYR A 151 -12.94 9.59 -13.98
CA TYR A 151 -14.05 10.37 -13.45
C TYR A 151 -14.97 10.90 -14.57
N ASN A 152 -14.36 11.46 -15.61
CA ASN A 152 -15.10 11.98 -16.75
C ASN A 152 -15.70 10.89 -17.66
N GLY A 153 -15.37 9.64 -17.37
CA GLY A 153 -16.02 8.50 -18.03
C GLY A 153 -15.14 7.74 -19.02
N ALA A 154 -14.66 6.59 -18.58
CA ALA A 154 -13.89 5.67 -19.43
C ALA A 154 -14.60 4.32 -19.43
N GLN A 155 -14.13 3.38 -20.27
CA GLN A 155 -14.74 2.05 -20.37
C GLN A 155 -14.50 1.22 -19.11
N PRO A 156 -15.51 0.42 -18.70
CA PRO A 156 -15.49 -0.36 -17.46
C PRO A 156 -14.32 -1.33 -17.35
N LEU A 157 -13.79 -1.39 -16.13
CA LEU A 157 -12.79 -2.34 -15.75
C LEU A 157 -13.34 -3.77 -15.80
N LYS A 158 -12.60 -4.65 -16.46
CA LYS A 158 -12.93 -6.08 -16.48
C LYS A 158 -12.18 -6.83 -15.40
N GLY A 159 -12.80 -7.90 -14.93
CA GLY A 159 -12.25 -8.70 -13.84
C GLY A 159 -13.22 -9.83 -13.58
N TYR A 160 -12.80 -10.73 -12.69
CA TYR A 160 -13.60 -11.85 -12.28
C TYR A 160 -13.85 -11.73 -10.79
N VAL A 161 -12.82 -11.83 -9.96
CA VAL A 161 -13.06 -11.63 -8.52
C VAL A 161 -12.93 -10.19 -8.05
N SER A 162 -12.22 -9.36 -8.82
CA SER A 162 -11.94 -8.01 -8.33
C SER A 162 -13.04 -6.99 -8.62
N THR A 163 -13.94 -7.31 -9.54
CA THR A 163 -14.93 -6.32 -10.01
C THR A 163 -16.38 -6.75 -9.75
N THR A 164 -16.57 -7.68 -8.82
CA THR A 164 -17.92 -8.21 -8.52
C THR A 164 -18.80 -7.11 -7.96
N ASN A 165 -20.12 -7.28 -8.07
CA ASN A 165 -21.05 -6.30 -7.49
C ASN A 165 -20.85 -6.21 -6.01
N GLU A 166 -20.51 -7.34 -5.39
CA GLU A 166 -20.31 -7.40 -3.95
C GLU A 166 -19.13 -6.51 -3.55
N VAL A 167 -18.02 -6.63 -4.24
CA VAL A 167 -16.86 -5.74 -4.00
C VAL A 167 -17.21 -4.26 -4.21
N LYS A 168 -17.81 -3.96 -5.36
CA LYS A 168 -18.24 -2.58 -5.70
C LYS A 168 -19.19 -1.98 -4.69
N LYS A 169 -20.13 -2.78 -4.19
CA LYS A 169 -21.07 -2.28 -3.15
C LYS A 169 -20.37 -2.03 -1.83
N GLN A 170 -19.43 -2.91 -1.45
CA GLN A 170 -18.66 -2.67 -0.23
C GLN A 170 -17.89 -1.37 -0.37
N LEU A 171 -17.29 -1.14 -1.55
CA LEU A 171 -16.56 0.08 -1.81
C LEU A 171 -17.50 1.30 -1.81
N PHE A 172 -18.68 1.14 -2.39
CA PHE A 172 -19.74 2.17 -2.37
C PHE A 172 -20.03 2.68 -0.96
N ASP A 173 -20.29 1.75 -0.03
CA ASP A 173 -20.66 2.08 1.35
C ASP A 173 -19.50 2.63 2.16
N ILE A 174 -18.30 2.13 1.88
CA ILE A 174 -17.09 2.64 2.55
C ILE A 174 -16.85 4.11 2.18
N ILE A 175 -16.97 4.42 0.90
CA ILE A 175 -16.70 5.75 0.40
C ILE A 175 -17.81 6.70 0.83
N SER A 176 -19.05 6.23 0.73
CA SER A 176 -20.20 7.00 1.21
C SER A 176 -19.98 7.45 2.67
N LEU A 177 -19.60 6.50 3.53
CA LEU A 177 -19.33 6.79 4.93
C LEU A 177 -18.08 7.65 5.17
N SER A 178 -17.04 7.45 4.36
CA SER A 178 -15.79 8.22 4.48
C SER A 178 -16.01 9.70 4.18
N HIS A 179 -16.95 9.98 3.30
CA HIS A 179 -17.15 11.34 2.85
C HIS A 179 -18.49 11.91 3.32
N LYS A 180 -19.26 11.08 4.03
CA LYS A 180 -20.59 11.45 4.54
C LYS A 180 -21.47 11.89 3.37
N LEU A 181 -21.53 11.07 2.32
CA LEU A 181 -22.29 11.37 1.12
C LEU A 181 -23.50 10.48 1.03
N ASN A 182 -24.68 11.06 1.29
CA ASN A 182 -25.95 10.34 1.21
C ASN A 182 -26.09 9.52 -0.07
N PRO A 183 -26.15 8.17 0.07
CA PRO A 183 -26.20 7.22 -1.05
C PRO A 183 -27.24 7.51 -2.15
N GLU A 184 -28.33 8.19 -1.79
CA GLU A 184 -29.43 8.46 -2.73
C GLU A 184 -29.17 9.75 -3.53
N GLU A 185 -28.90 10.83 -2.80
CA GLU A 185 -28.60 12.12 -3.40
C GLU A 185 -27.33 12.04 -4.26
N ASN A 186 -26.32 11.36 -3.74
CA ASN A 186 -24.96 11.36 -4.29
C ASN A 186 -24.57 10.10 -5.06
N LYS A 187 -25.57 9.44 -5.65
CA LYS A 187 -25.40 8.14 -6.30
C LYS A 187 -24.41 8.13 -7.46
N GLU A 188 -24.50 9.14 -8.32
CA GLU A 188 -23.68 9.21 -9.52
C GLU A 188 -22.23 9.49 -9.16
N LEU A 189 -22.04 10.40 -8.20
CA LEU A 189 -20.73 10.70 -7.65
C LEU A 189 -20.06 9.47 -7.01
N LEU A 190 -20.82 8.72 -6.21
CA LEU A 190 -20.27 7.59 -5.46
C LEU A 190 -19.85 6.47 -6.41
N ASP A 191 -20.61 6.24 -7.48
CA ASP A 191 -20.27 5.24 -8.47
C ASP A 191 -18.99 5.62 -9.22
N LYS A 192 -18.74 6.93 -9.36
CA LYS A 192 -17.52 7.42 -10.02
C LYS A 192 -16.32 7.20 -9.11
N LEU A 193 -16.49 7.49 -7.82
CA LEU A 193 -15.46 7.30 -6.83
C LEU A 193 -15.13 5.81 -6.65
N VAL A 194 -16.15 4.95 -6.70
CA VAL A 194 -15.95 3.49 -6.66
C VAL A 194 -15.09 3.03 -7.85
N GLU A 195 -15.44 3.49 -9.05
CA GLU A 195 -14.69 3.13 -10.25
C GLU A 195 -13.24 3.60 -10.20
N ILE A 196 -13.02 4.79 -9.62
CA ILE A 196 -11.67 5.33 -9.42
C ILE A 196 -10.84 4.48 -8.44
N GLN A 197 -11.46 4.05 -7.34
CA GLN A 197 -10.80 3.12 -6.38
C GLN A 197 -10.41 1.82 -7.07
N GLN A 198 -11.35 1.28 -7.84
CA GLN A 198 -11.16 0.03 -8.57
C GLN A 198 -9.99 0.13 -9.56
N PHE A 199 -9.95 1.24 -10.30
CA PHE A 199 -8.83 1.53 -11.21
C PHE A 199 -7.49 1.71 -10.49
N LYS A 200 -7.47 2.41 -9.35
CA LYS A 200 -6.24 2.60 -8.54
C LYS A 200 -5.73 1.23 -8.11
N ASP A 201 -6.64 0.38 -7.64
CA ASP A 201 -6.31 -0.97 -7.19
C ASP A 201 -5.74 -1.85 -8.30
N ARG A 202 -6.29 -1.71 -9.50
CA ARG A 202 -5.86 -2.44 -10.67
C ARG A 202 -4.43 -2.04 -11.07
N ARG A 203 -4.18 -0.74 -11.08
CA ARG A 203 -2.85 -0.20 -11.43
C ARG A 203 -1.78 -0.61 -10.43
N ALA A 205 -1.89 -3.13 -8.42
CA ALA A 205 -1.71 -4.58 -8.72
C ALA A 205 -0.84 -4.84 -9.94
N ASP A 206 -1.06 -4.06 -11.00
CA ASP A 206 -0.33 -4.22 -12.24
C ASP A 206 1.18 -4.02 -11.94
N VAL A 207 1.49 -2.96 -11.21
CA VAL A 207 2.88 -2.63 -10.86
C VAL A 207 3.51 -3.77 -10.05
N LEU A 208 2.74 -4.35 -9.14
CA LEU A 208 3.30 -5.35 -8.20
C LEU A 208 3.49 -6.70 -8.90
N VAL A 209 2.53 -7.04 -9.73
CA VAL A 209 2.50 -8.31 -10.42
C VAL A 209 3.66 -8.42 -11.42
N HIS A 210 3.99 -7.32 -12.07
CA HIS A 210 5.03 -7.36 -13.10
C HIS A 210 6.44 -7.07 -12.62
N HIS A 211 6.59 -6.71 -11.35
CA HIS A 211 7.90 -6.33 -10.85
C HIS A 211 8.83 -7.54 -10.71
N VAL A 212 10.09 -7.38 -11.09
CA VAL A 212 11.01 -8.55 -11.11
C VAL A 212 11.72 -8.86 -9.77
N ASN A 213 11.63 -7.93 -8.81
CA ASN A 213 12.23 -8.09 -7.48
C ASN A 213 11.15 -8.21 -6.42
N LYS A 214 11.52 -8.79 -5.27
CA LYS A 214 10.64 -8.73 -4.10
C LYS A 214 10.27 -7.27 -3.84
N VAL A 215 9.04 -7.06 -3.38
CA VAL A 215 8.50 -5.71 -3.32
C VAL A 215 7.55 -5.57 -2.15
N LEU A 216 7.66 -4.43 -1.46
CA LEU A 216 6.67 -4.01 -0.46
C LEU A 216 5.89 -2.77 -0.95
N LEU A 217 4.55 -2.86 -0.86
CA LEU A 217 3.68 -1.71 -1.10
C LEU A 217 3.26 -1.06 0.22
N LEU A 218 3.34 0.27 0.25
CA LEU A 218 2.66 1.04 1.30
C LEU A 218 1.45 1.72 0.66
N ALA A 219 0.27 1.52 1.24
CA ALA A 219 -0.98 2.03 0.69
C ALA A 219 -2.01 2.08 1.82
N GLY A 220 -3.12 2.76 1.59
CA GLY A 220 -4.13 2.85 2.64
C GLY A 220 -4.72 1.47 2.86
N SER A 221 -5.23 1.26 4.06
CA SER A 221 -5.88 0.01 4.42
C SER A 221 -6.98 -0.46 3.46
N TYR A 222 -7.79 0.46 2.89
CA TYR A 222 -8.85 -0.01 1.97
C TYR A 222 -8.28 -0.63 0.71
N HIS A 223 -7.09 -0.15 0.33
CA HIS A 223 -6.34 -0.68 -0.82
C HIS A 223 -5.68 -2.04 -0.56
N THR A 224 -5.19 -2.23 0.63
CA THR A 224 -4.47 -3.47 0.93
C THR A 224 -5.40 -4.62 1.31
N SER A 225 -6.66 -4.26 1.63
CA SER A 225 -7.65 -5.23 2.08
C SER A 225 -7.80 -6.41 1.10
N LYS A 226 -7.66 -7.61 1.62
CA LYS A 226 -7.92 -8.80 0.86
C LYS A 226 -9.39 -8.95 0.44
N LYS A 227 -10.30 -8.26 1.11
CA LYS A 227 -11.74 -8.34 0.82
C LYS A 227 -12.18 -7.50 -0.38
N ILE A 228 -11.58 -6.32 -0.56
CA ILE A 228 -12.08 -5.34 -1.55
C ILE A 228 -10.97 -4.73 -2.41
N GLY A 229 -9.70 -5.01 -2.07
CA GLY A 229 -8.58 -4.24 -2.64
C GLY A 229 -7.64 -4.94 -3.61
N ILE A 230 -6.44 -4.40 -3.66
CA ILE A 230 -5.36 -4.92 -4.51
C ILE A 230 -5.20 -6.46 -4.59
N PRO A 231 -5.28 -7.20 -3.46
CA PRO A 231 -5.18 -8.68 -3.56
C PRO A 231 -6.13 -9.36 -4.55
N LEU A 232 -7.36 -8.83 -4.69
CA LEU A 232 -8.31 -9.37 -5.66
C LEU A 232 -7.82 -9.16 -7.10
N HIS A 233 -7.19 -8.01 -7.34
CA HIS A 233 -6.73 -7.65 -8.68
C HIS A 233 -5.51 -8.47 -9.04
N ILE A 234 -4.63 -8.69 -8.05
CA ILE A 234 -3.49 -9.63 -8.24
C ILE A 234 -3.96 -11.01 -8.68
N GLN A 235 -5.00 -11.52 -8.04
CA GLN A 235 -5.59 -12.82 -8.41
C GLN A 235 -6.06 -12.84 -9.85
N ASP A 236 -6.77 -11.77 -10.24
CA ASP A 236 -7.30 -11.62 -11.61
C ASP A 236 -6.19 -11.51 -12.65
N PHE A 237 -5.03 -10.94 -12.27
CA PHE A 237 -3.84 -10.96 -13.13
C PHE A 237 -3.22 -12.38 -13.32
N LYS A 238 -3.70 -13.36 -12.56
CA LYS A 238 -3.21 -14.75 -12.56
C LYS A 238 -1.74 -14.84 -12.14
N SER A 239 -1.36 -14.06 -11.13
CA SER A 239 -0.01 -14.13 -10.57
C SER A 239 0.15 -15.40 -9.74
N SER A 240 1.30 -16.08 -9.87
CA SER A 240 1.66 -17.12 -8.92
C SER A 240 2.59 -16.63 -7.80
N LYS A 241 2.88 -15.32 -7.75
CA LYS A 241 3.66 -14.73 -6.66
C LYS A 241 3.03 -15.02 -5.33
N LYS A 242 3.85 -15.20 -4.32
CA LYS A 242 3.32 -15.33 -2.95
C LYS A 242 3.02 -13.95 -2.41
N ILE A 243 1.76 -13.74 -2.05
CA ILE A 243 1.27 -12.44 -1.59
C ILE A 243 0.98 -12.50 -0.08
N VAL A 244 1.43 -11.48 0.66
CA VAL A 244 1.14 -11.39 2.10
C VAL A 244 0.72 -9.95 2.44
N VAL A 245 -0.29 -9.85 3.30
CA VAL A 245 -0.90 -8.57 3.63
C VAL A 245 -0.78 -8.33 5.12
N VAL A 246 -0.17 -7.19 5.46
CA VAL A 246 0.00 -6.79 6.84
C VAL A 246 -0.74 -5.49 7.06
N ASN A 247 -1.69 -5.48 7.98
CA ASN A 247 -2.47 -4.25 8.17
C ASN A 247 -2.09 -3.66 9.50
N LEU A 248 -1.91 -2.35 9.52
CA LEU A 248 -1.66 -1.59 10.75
C LEU A 248 -3.03 -1.14 11.27
N SER A 249 -3.49 -1.71 12.37
CA SER A 249 -4.90 -1.49 12.75
C SER A 249 -5.21 -0.08 13.23
N TYR A 250 -6.45 0.30 13.00
CA TYR A 250 -7.06 1.47 13.61
C TYR A 250 -8.56 1.19 13.73
N GLY A 251 -9.14 1.43 14.89
CA GLY A 251 -10.57 1.10 15.08
C GLY A 251 -10.82 -0.40 14.98
N GLU A 252 -11.92 -0.77 14.33
CA GLU A 252 -12.34 -2.17 14.21
C GLU A 252 -11.35 -2.97 13.38
N ILE A 253 -11.26 -4.27 13.68
CA ILE A 253 -10.37 -5.19 13.00
C ILE A 253 -11.19 -6.28 12.35
N ASP A 254 -11.11 -6.36 11.03
CA ASP A 254 -11.65 -7.48 10.30
C ASP A 254 -10.48 -8.36 9.91
N LEU A 255 -10.48 -9.59 10.44
CA LEU A 255 -9.43 -10.55 10.20
C LEU A 255 -9.25 -10.90 8.71
N LYS A 256 -10.35 -10.86 7.97
CA LYS A 256 -10.33 -11.16 6.56
C LYS A 256 -9.59 -10.14 5.70
N ASP A 257 -9.29 -8.98 6.25
CA ASP A 257 -8.64 -7.89 5.52
C ASP A 257 -7.15 -8.16 5.27
N SER A 258 -6.53 -9.03 6.06
CA SER A 258 -5.08 -9.10 6.00
C SER A 258 -4.62 -10.49 6.51
N ASP A 259 -3.32 -10.77 6.44
CA ASP A 259 -2.73 -12.02 6.96
C ASP A 259 -2.09 -11.81 8.34
N TYR A 260 -1.68 -10.59 8.61
CA TYR A 260 -1.15 -10.20 9.92
C TYR A 260 -1.77 -8.87 10.28
N VAL A 261 -1.94 -8.60 11.58
CA VAL A 261 -2.43 -7.30 11.95
C VAL A 261 -1.64 -6.84 13.16
N LEU A 262 -1.22 -5.58 13.12
CA LEU A 262 -0.56 -4.98 14.26
C LEU A 262 -1.60 -4.26 15.07
N ILE A 263 -1.62 -4.54 16.36
CA ILE A 263 -2.67 -4.04 17.24
C ILE A 263 -1.97 -3.20 18.30
N TYR A 264 -2.43 -1.97 18.45
CA TYR A 264 -1.76 -0.97 19.29
C TYR A 264 -2.47 -0.77 20.64
N LYS A 265 -1.69 -0.53 21.69
CA LYS A 265 -2.23 -0.32 23.05
C LYS A 265 -2.70 1.13 23.27
N GLY A 266 -3.98 1.29 23.63
CA GLY A 266 -4.89 0.16 23.81
C GLY A 266 -5.18 -0.22 25.26
#